data_3TPI
#
_entry.id   3TPI
#
_cell.length_a   75.500
_cell.length_b   84.400
_cell.length_c   122.900
_cell.angle_alpha   90.00
_cell.angle_beta   90.00
_cell.angle_gamma   90.00
#
_symmetry.space_group_name_H-M   'I 2 2 2'
#
loop_
_entity.id
_entity.type
_entity.pdbx_description
1 polymer TRYPSINOGEN
2 polymer 'BOVINE PANCREATIC TRYPSIN INHIBITOR'
3 non-polymer ISOLEUCINE
4 non-polymer VALINE
5 non-polymer 'CALCIUM ION'
6 non-polymer 'SULFATE ION'
7 water water
#
loop_
_entity_poly.entity_id
_entity_poly.type
_entity_poly.pdbx_seq_one_letter_code
_entity_poly.pdbx_strand_id
1 'polypeptide(L)'
;VDDDDKIVGGYTCGANTVPYQVSLNSGYHFCGGSLINSQWVVSAAHCYKSGIQVRLGEDNINVVEGNEQFISASKSIVHP
SYNSNTLNNDIMLIKLKSAASLNSRVASISLPTSCASAGTQCLISGWGNTKSSGTSYPDVLKCLKAPILSDSSCKSAYPG
QITSNMFCAGYLEGGKDSCQGDSGGPVVCSGKLQGIVSWGSGCAQKNKPGVYTKVCNYVSWIKQTIASN
;
Z
2 'polypeptide(L)' RPDFCLEPPYTGPCKARIIRYFYNAKAGLCQTFVYGGCRAKRNNFKSAEDCMRTCGGA I
#
loop_
_chem_comp.id
_chem_comp.type
_chem_comp.name
_chem_comp.formula
CA non-polymer 'CALCIUM ION' 'Ca 2'
SO4 non-polymer 'SULFATE ION' 'O4 S -2'
#
# COMPACT_ATOMS: atom_id res chain seq x y z
N ILE A 7 2.06 9.26 -23.05
CA ILE A 7 1.04 8.86 -22.07
C ILE A 7 1.63 8.36 -20.75
N VAL A 8 1.26 9.04 -19.68
CA VAL A 8 1.51 8.57 -18.32
C VAL A 8 0.24 7.92 -17.75
N GLY A 9 0.43 6.99 -16.84
CA GLY A 9 -0.71 6.20 -16.35
C GLY A 9 -1.63 7.00 -15.45
N GLY A 10 -1.10 7.35 -14.28
CA GLY A 10 -1.86 8.20 -13.36
C GLY A 10 -2.46 9.43 -14.03
N TYR A 11 -3.52 9.91 -13.44
CA TYR A 11 -4.10 11.22 -13.56
C TYR A 11 -4.54 11.67 -12.17
N THR A 12 -4.79 12.91 -12.00
CA THR A 12 -5.25 13.44 -10.72
C THR A 12 -6.72 13.12 -10.57
N CYS A 13 -7.11 12.33 -9.63
CA CYS A 13 -8.50 11.86 -9.60
C CYS A 13 -9.50 13.02 -9.62
N GLY A 14 -9.07 14.09 -9.00
CA GLY A 14 -9.99 15.19 -8.68
C GLY A 14 -10.39 15.15 -7.20
N ALA A 15 -10.48 16.30 -6.55
CA ALA A 15 -10.76 16.31 -5.09
C ALA A 15 -12.07 15.68 -4.61
N ASN A 16 -11.86 14.74 -3.70
CA ASN A 16 -12.87 13.92 -3.02
C ASN A 16 -13.69 13.01 -3.93
N THR A 17 -13.12 12.55 -5.04
CA THR A 17 -13.78 11.67 -6.06
C THR A 17 -13.60 10.18 -5.76
N VAL A 18 -12.67 9.87 -4.92
CA VAL A 18 -12.51 8.51 -4.39
C VAL A 18 -12.65 8.47 -2.87
N PRO A 19 -13.90 8.54 -2.44
CA PRO A 19 -14.22 9.02 -1.09
C PRO A 19 -13.98 7.95 -0.03
N TYR A 20 -13.68 6.76 -0.49
CA TYR A 20 -13.31 5.65 0.38
C TYR A 20 -11.81 5.42 0.57
N GLN A 21 -11.05 6.34 0.02
CA GLN A 21 -9.60 6.24 0.07
C GLN A 21 -9.14 6.93 1.36
N VAL A 22 -8.26 6.28 2.05
CA VAL A 22 -7.72 6.90 3.22
C VAL A 22 -6.21 6.94 3.19
N SER A 23 -5.62 7.88 3.93
CA SER A 23 -4.19 7.90 4.09
C SER A 23 -3.82 7.29 5.44
N LEU A 24 -2.82 6.44 5.54
CA LEU A 24 -2.30 5.95 6.82
C LEU A 24 -1.07 6.78 7.16
N ASN A 25 -1.11 7.49 8.28
CA ASN A 25 -0.10 8.47 8.66
C ASN A 25 0.56 8.06 9.98
N SER A 26 1.85 8.14 10.05
CA SER A 26 2.66 7.97 11.27
C SER A 26 3.64 9.11 11.41
N GLY A 27 3.18 10.31 11.10
CA GLY A 27 4.06 11.46 10.95
C GLY A 27 4.17 11.86 9.49
N TYR A 28 3.84 10.96 8.59
CA TYR A 28 3.85 11.26 7.16
C TYR A 28 3.05 10.15 6.54
N HIS A 29 2.55 10.33 5.35
CA HIS A 29 1.88 9.29 4.56
C HIS A 29 2.78 8.10 4.24
N PHE A 30 2.42 6.92 4.70
CA PHE A 30 3.23 5.77 4.47
C PHE A 30 2.43 4.72 3.70
N CYS A 31 1.09 4.77 3.76
CA CYS A 31 0.23 3.74 3.09
C CYS A 31 -1.17 4.28 2.89
N GLY A 32 -1.93 3.54 2.12
CA GLY A 32 -3.32 3.89 1.86
C GLY A 32 -4.20 2.81 2.49
N GLY A 33 -5.47 2.97 2.28
CA GLY A 33 -6.45 2.00 2.77
C GLY A 33 -7.83 2.46 2.29
N SER A 34 -8.79 1.60 2.50
CA SER A 34 -10.18 1.78 2.08
C SER A 34 -11.09 1.77 3.31
N LEU A 35 -12.02 2.67 3.28
CA LEU A 35 -13.10 2.65 4.26
C LEU A 35 -14.16 1.64 3.86
N ILE A 36 -14.35 0.61 4.70
CA ILE A 36 -15.45 -0.38 4.63
C ILE A 36 -16.70 -0.18 5.49
N ASN A 37 -16.53 0.47 6.63
CA ASN A 37 -17.67 1.17 7.25
C ASN A 37 -17.19 2.34 8.08
N SER A 38 -18.09 2.90 8.84
CA SER A 38 -17.72 4.14 9.57
C SER A 38 -16.69 3.93 10.64
N GLN A 39 -16.40 2.73 10.96
CA GLN A 39 -15.32 2.46 11.91
C GLN A 39 -14.18 1.57 11.46
N TRP A 40 -14.29 0.92 10.30
CA TRP A 40 -13.28 -0.07 9.87
C TRP A 40 -12.62 0.28 8.52
N VAL A 41 -11.32 0.09 8.48
CA VAL A 41 -10.55 0.41 7.24
C VAL A 41 -9.88 -0.87 6.80
N VAL A 42 -9.81 -1.17 5.51
CA VAL A 42 -9.00 -2.33 5.17
C VAL A 42 -7.67 -1.88 4.51
N SER A 43 -6.60 -2.60 4.79
CA SER A 43 -5.30 -2.15 4.22
C SER A 43 -4.45 -3.37 4.02
N ALA A 44 -3.17 -3.16 3.84
CA ALA A 44 -2.26 -4.28 3.64
C ALA A 44 -1.70 -4.66 4.99
N ALA A 45 -1.43 -5.93 5.14
CA ALA A 45 -0.63 -6.38 6.26
C ALA A 45 0.76 -5.78 6.43
N HIS A 46 1.47 -5.55 5.32
CA HIS A 46 2.83 -4.97 5.37
C HIS A 46 2.87 -3.47 5.70
N CYS A 47 1.64 -2.88 5.79
CA CYS A 47 1.35 -1.56 6.33
C CYS A 47 1.17 -1.42 7.85
N TYR A 48 1.25 -2.54 8.49
CA TYR A 48 1.19 -2.56 9.99
C TYR A 48 2.29 -1.75 10.65
N LYS A 49 1.88 -0.77 11.36
CA LYS A 49 2.71 0.03 12.27
C LYS A 49 1.95 0.32 13.57
N SER A 50 2.68 0.73 14.56
CA SER A 50 2.12 1.35 15.82
C SER A 50 1.72 2.81 15.57
N GLY A 51 0.81 3.38 16.31
CA GLY A 51 0.69 4.85 16.18
C GLY A 51 0.28 5.30 14.76
N ILE A 52 -0.60 4.52 14.18
CA ILE A 52 -1.38 4.94 13.01
C ILE A 52 -2.39 6.04 13.32
N GLN A 53 -2.36 7.08 12.54
CA GLN A 53 -3.50 7.96 12.38
C GLN A 53 -4.13 7.82 10.98
N VAL A 54 -5.45 7.64 10.91
CA VAL A 54 -6.04 7.44 9.62
C VAL A 54 -6.51 8.81 9.22
N ARG A 55 -6.23 9.31 8.00
CA ARG A 55 -6.92 10.51 7.53
C ARG A 55 -7.96 10.22 6.47
N LEU A 56 -9.16 10.74 6.64
CA LEU A 56 -10.30 10.56 5.73
C LEU A 56 -10.57 11.90 5.06
N GLY A 57 -11.20 11.93 3.90
CA GLY A 57 -11.56 13.20 3.24
C GLY A 57 -10.40 14.01 2.66
N GLU A 58 -9.22 13.40 2.53
CA GLU A 58 -8.01 13.99 1.94
C GLU A 58 -8.12 14.18 0.44
N ASP A 59 -7.52 15.27 -0.03
CA ASP A 59 -7.05 15.34 -1.43
C ASP A 59 -5.58 15.69 -1.47
N ASN A 60 -5.33 16.95 -1.10
CA ASN A 60 -3.97 17.33 -0.77
C ASN A 60 -3.50 16.87 0.61
N ILE A 61 -2.62 15.91 0.63
CA ILE A 61 -2.15 15.33 1.90
C ILE A 61 -1.17 16.23 2.59
N ASN A 62 -0.83 17.27 1.93
CA ASN A 62 -0.03 18.27 2.62
C ASN A 62 -0.75 19.53 2.96
N VAL A 63 -2.00 19.77 2.65
CA VAL A 63 -2.50 20.98 3.30
C VAL A 63 -3.87 20.66 3.82
N VAL A 64 -4.23 21.30 4.91
CA VAL A 64 -5.52 21.08 5.52
C VAL A 64 -6.65 21.84 4.81
N GLU A 65 -7.46 21.09 4.07
CA GLU A 65 -8.38 21.67 3.05
C GLU A 65 -9.82 21.78 3.56
N GLY A 66 -9.96 21.38 4.81
CA GLY A 66 -11.22 21.55 5.53
C GLY A 66 -12.16 20.38 5.38
N ASN A 67 -11.70 19.33 4.78
CA ASN A 67 -12.72 18.27 4.71
C ASN A 67 -12.28 17.08 5.53
N GLU A 68 -11.13 17.22 6.09
CA GLU A 68 -10.54 16.10 6.78
C GLU A 68 -11.20 15.65 8.10
N GLN A 69 -11.01 14.43 8.37
CA GLN A 69 -11.17 13.77 9.64
C GLN A 69 -9.92 12.94 9.84
N PHE A 70 -9.16 13.35 10.83
CA PHE A 70 -8.01 12.57 11.34
C PHE A 70 -8.46 11.82 12.62
N ILE A 71 -8.48 10.54 12.57
CA ILE A 71 -8.89 9.65 13.65
C ILE A 71 -7.81 8.61 13.84
N SER A 72 -7.40 8.37 15.05
CA SER A 72 -6.51 7.30 15.44
C SER A 72 -7.13 5.92 15.36
N ALA A 73 -6.30 4.95 15.16
CA ALA A 73 -6.72 3.55 15.17
C ALA A 73 -6.78 3.10 16.62
N SER A 74 -7.75 2.26 16.94
CA SER A 74 -7.73 1.59 18.25
C SER A 74 -7.12 0.24 18.19
N LYS A 75 -7.33 -0.38 17.08
CA LYS A 75 -6.91 -1.72 16.87
C LYS A 75 -6.47 -1.88 15.41
N SER A 76 -5.53 -2.76 15.22
CA SER A 76 -5.00 -3.18 13.92
C SER A 76 -4.90 -4.67 13.87
N ILE A 77 -5.68 -5.27 12.99
CA ILE A 77 -5.63 -6.73 12.91
C ILE A 77 -5.08 -7.26 11.57
N VAL A 78 -3.91 -7.82 11.58
CA VAL A 78 -3.25 -8.37 10.39
C VAL A 78 -3.78 -9.79 10.21
N HIS A 79 -3.96 -10.26 9.00
CA HIS A 79 -4.57 -11.59 8.86
C HIS A 79 -3.76 -12.66 9.60
N PRO A 80 -4.43 -13.56 10.32
CA PRO A 80 -3.77 -14.63 11.08
C PRO A 80 -2.76 -15.42 10.27
N SER A 81 -2.99 -15.46 9.01
CA SER A 81 -2.07 -16.25 8.23
C SER A 81 -1.24 -15.42 7.29
N TYR A 82 -1.03 -14.17 7.65
CA TYR A 82 -0.04 -13.37 6.92
C TYR A 82 1.38 -13.89 6.95
N ASN A 83 1.96 -14.11 5.72
CA ASN A 83 3.33 -14.62 5.52
C ASN A 83 4.25 -13.53 4.99
N SER A 84 5.16 -13.17 5.82
CA SER A 84 5.94 -11.97 5.64
C SER A 84 6.86 -12.18 4.44
N ASN A 85 7.17 -13.44 4.14
CA ASN A 85 8.13 -13.82 3.12
C ASN A 85 7.46 -13.93 1.79
N THR A 86 6.35 -14.61 1.79
CA THR A 86 5.60 -14.88 0.55
C THR A 86 4.53 -13.86 0.26
N LEU A 87 4.23 -13.06 1.26
CA LEU A 87 3.20 -12.01 1.11
C LEU A 87 1.81 -12.59 0.90
N ASN A 88 1.68 -13.85 1.22
CA ASN A 88 0.33 -14.37 1.09
C ASN A 88 -0.55 -13.93 2.27
N ASN A 89 -1.76 -13.63 1.98
CA ASN A 89 -2.73 -13.09 2.95
C ASN A 89 -2.36 -11.70 3.43
N ASP A 90 -2.00 -10.85 2.48
CA ASP A 90 -1.57 -9.50 2.73
C ASP A 90 -2.75 -8.56 2.91
N ILE A 91 -3.41 -8.76 4.04
CA ILE A 91 -4.64 -7.99 4.38
C ILE A 91 -4.74 -7.66 5.88
N MET A 92 -5.27 -6.51 6.18
CA MET A 92 -5.31 -6.15 7.57
C MET A 92 -6.46 -5.21 7.79
N LEU A 93 -7.10 -5.33 8.95
CA LEU A 93 -8.20 -4.41 9.35
C LEU A 93 -7.84 -3.45 10.50
N ILE A 94 -8.32 -2.27 10.36
CA ILE A 94 -7.99 -1.23 11.27
C ILE A 94 -9.30 -0.66 11.82
N LYS A 95 -9.38 -0.75 13.13
CA LYS A 95 -10.54 -0.19 13.79
C LYS A 95 -10.23 1.24 14.22
N LEU A 96 -11.12 2.14 13.90
CA LEU A 96 -10.95 3.55 14.20
C LEU A 96 -11.33 3.80 15.66
N LYS A 97 -10.63 4.67 16.32
CA LYS A 97 -10.98 5.09 17.68
C LYS A 97 -12.41 5.58 17.81
N SER A 98 -12.86 6.31 16.88
CA SER A 98 -14.26 6.66 16.85
C SER A 98 -14.80 6.67 15.44
N ALA A 99 -16.05 6.53 15.31
CA ALA A 99 -16.65 6.35 14.05
C ALA A 99 -16.39 7.60 13.23
N ALA A 100 -16.21 7.45 11.94
CA ALA A 100 -16.04 8.55 11.00
C ALA A 100 -17.41 9.16 10.81
N SER A 101 -17.45 10.41 10.42
CA SER A 101 -18.75 10.80 9.91
C SER A 101 -18.89 10.84 8.37
N LEU A 102 -19.79 9.99 7.98
CA LEU A 102 -19.84 9.63 6.58
C LEU A 102 -20.56 10.73 5.83
N ASN A 103 -19.94 11.32 4.87
CA ASN A 103 -20.69 12.28 4.06
C ASN A 103 -20.42 12.00 2.58
N SER A 104 -20.30 13.11 1.83
CA SER A 104 -20.06 13.07 0.37
C SER A 104 -18.59 13.08 -0.03
N ARG A 105 -17.74 13.55 0.82
CA ARG A 105 -16.29 13.33 0.60
C ARG A 105 -15.74 12.14 1.39
N VAL A 106 -16.56 11.54 2.24
CA VAL A 106 -16.11 10.43 3.11
C VAL A 106 -17.10 9.29 3.21
N ALA A 107 -16.80 8.22 2.56
CA ALA A 107 -17.86 7.29 2.20
C ALA A 107 -17.20 5.95 2.01
N SER A 108 -17.87 4.89 2.29
CA SER A 108 -17.18 3.62 2.34
C SER A 108 -17.47 2.75 1.12
N ILE A 109 -16.66 1.79 0.93
CA ILE A 109 -16.70 1.05 -0.36
C ILE A 109 -17.30 -0.33 -0.07
N SER A 110 -18.18 -0.79 -0.93
CA SER A 110 -18.77 -2.12 -0.76
C SER A 110 -17.81 -3.27 -1.01
N LEU A 111 -17.98 -4.34 -0.23
CA LEU A 111 -17.17 -5.51 -0.45
C LEU A 111 -17.74 -6.32 -1.61
N PRO A 112 -16.97 -7.13 -2.31
CA PRO A 112 -17.48 -7.93 -3.41
C PRO A 112 -18.41 -9.07 -2.93
N THR A 113 -19.33 -9.44 -3.82
CA THR A 113 -20.22 -10.62 -3.84
C THR A 113 -19.58 -11.77 -4.62
N SER A 114 -18.86 -11.48 -5.73
CA SER A 114 -17.95 -12.52 -6.36
C SER A 114 -16.59 -11.95 -6.77
N CYS A 115 -15.69 -12.82 -7.12
CA CYS A 115 -14.47 -12.35 -7.76
C CYS A 115 -14.57 -11.91 -9.23
N ALA A 116 -13.77 -10.91 -9.53
CA ALA A 116 -13.72 -10.32 -10.87
C ALA A 116 -12.86 -11.15 -11.80
N SER A 117 -13.27 -11.14 -13.07
CA SER A 117 -12.61 -11.89 -14.15
C SER A 117 -11.46 -11.04 -14.79
N ALA A 118 -10.50 -11.70 -15.39
CA ALA A 118 -9.47 -11.06 -16.23
C ALA A 118 -10.10 -10.13 -17.25
N GLY A 119 -9.54 -8.97 -17.31
CA GLY A 119 -10.00 -7.95 -18.21
C GLY A 119 -11.10 -7.04 -17.75
N THR A 120 -11.49 -7.26 -16.50
CA THR A 120 -12.34 -6.23 -15.81
C THR A 120 -11.48 -4.99 -15.57
N GLN A 121 -12.00 -3.84 -15.87
CA GLN A 121 -11.18 -2.62 -15.70
C GLN A 121 -11.49 -1.98 -14.36
N CYS A 122 -10.44 -1.62 -13.69
CA CYS A 122 -10.55 -1.14 -12.30
C CYS A 122 -9.92 0.23 -12.13
N LEU A 123 -10.24 0.86 -11.01
CA LEU A 123 -9.55 2.07 -10.53
C LEU A 123 -8.65 1.79 -9.33
N ILE A 124 -7.44 2.15 -9.49
CA ILE A 124 -6.44 2.11 -8.44
C ILE A 124 -5.97 3.51 -8.10
N SER A 125 -5.96 3.91 -6.84
CA SER A 125 -5.77 5.29 -6.35
C SER A 125 -4.78 5.29 -5.21
N GLY A 126 -4.06 6.40 -5.11
CA GLY A 126 -2.91 6.45 -4.22
C GLY A 126 -2.18 7.79 -4.25
N TRP A 127 -1.39 8.03 -3.24
CA TRP A 127 -0.40 9.10 -3.12
C TRP A 127 1.02 8.56 -3.21
N GLY A 128 1.21 7.46 -3.92
CA GLY A 128 2.55 6.86 -4.05
C GLY A 128 3.39 7.54 -5.14
N ASN A 129 4.62 7.13 -5.30
CA ASN A 129 5.52 7.72 -6.35
C ASN A 129 4.91 7.67 -7.75
N THR A 130 5.08 8.76 -8.50
CA THR A 130 4.53 8.93 -9.83
C THR A 130 5.52 8.67 -10.97
N LYS A 131 6.81 8.40 -10.60
CA LYS A 131 7.95 8.16 -11.56
C LYS A 131 8.39 6.71 -11.58
N SER A 132 8.55 6.13 -12.76
CA SER A 132 8.82 4.67 -12.81
C SER A 132 10.23 4.44 -12.34
N SER A 133 11.05 5.30 -12.84
CA SER A 133 12.44 5.26 -12.44
C SER A 133 12.75 6.71 -12.30
N GLY A 134 12.97 6.98 -11.01
CA GLY A 134 12.75 8.30 -10.38
C GLY A 134 11.88 8.34 -9.13
N THR A 135 11.76 9.59 -8.67
CA THR A 135 11.05 9.98 -7.45
C THR A 135 10.26 11.27 -7.51
N SER A 136 8.98 11.13 -7.27
CA SER A 136 8.13 12.30 -7.16
C SER A 136 6.78 11.93 -6.55
N TYR A 137 6.57 12.36 -5.32
CA TYR A 137 5.38 12.03 -4.54
C TYR A 137 4.42 13.19 -4.72
N PRO A 138 3.21 12.97 -5.14
CA PRO A 138 2.27 14.07 -5.39
C PRO A 138 1.60 14.59 -4.11
N ASP A 139 1.07 15.78 -4.16
CA ASP A 139 0.29 16.39 -3.06
C ASP A 139 -1.13 15.86 -3.09
N VAL A 140 -1.72 15.84 -4.31
CA VAL A 140 -3.01 15.31 -4.60
C VAL A 140 -3.08 13.86 -4.98
N LEU A 141 -4.24 13.31 -4.86
CA LEU A 141 -4.46 11.89 -5.10
C LEU A 141 -4.49 11.58 -6.62
N LYS A 142 -3.81 10.54 -7.01
CA LYS A 142 -3.75 10.01 -8.38
C LYS A 142 -4.60 8.77 -8.52
N CYS A 143 -5.12 8.61 -9.72
CA CYS A 143 -5.93 7.50 -10.23
C CYS A 143 -5.41 6.89 -11.52
N LEU A 144 -5.66 5.63 -11.66
CA LEU A 144 -5.18 4.77 -12.72
C LEU A 144 -6.24 3.73 -13.00
N LYS A 145 -6.70 3.70 -14.24
CA LYS A 145 -7.54 2.58 -14.71
C LYS A 145 -6.68 1.46 -15.27
N ALA A 146 -6.79 0.26 -14.76
CA ALA A 146 -5.95 -0.84 -15.14
C ALA A 146 -6.80 -2.10 -15.07
N PRO A 147 -6.58 -2.98 -16.01
CA PRO A 147 -7.45 -4.15 -16.14
C PRO A 147 -6.91 -5.27 -15.28
N ILE A 148 -7.78 -6.14 -14.84
CA ILE A 148 -7.30 -7.36 -14.18
C ILE A 148 -6.67 -8.29 -15.20
N LEU A 149 -5.53 -8.85 -14.83
CA LEU A 149 -4.83 -9.81 -15.69
C LEU A 149 -5.15 -11.26 -15.35
N SER A 150 -4.95 -12.07 -16.35
CA SER A 150 -5.23 -13.49 -16.22
C SER A 150 -4.27 -14.19 -15.27
N ASP A 151 -4.74 -15.19 -14.66
CA ASP A 151 -3.88 -15.89 -13.70
C ASP A 151 -2.66 -16.46 -14.36
N SER A 152 -2.92 -16.90 -15.55
CA SER A 152 -1.85 -17.56 -16.28
C SER A 152 -0.81 -16.55 -16.68
N SER A 153 -1.28 -15.36 -17.06
CA SER A 153 -0.19 -14.38 -17.35
C SER A 153 0.49 -13.92 -16.08
N CYS A 154 -0.24 -13.88 -14.99
CA CYS A 154 0.34 -13.37 -13.77
C CYS A 154 1.49 -14.28 -13.35
N LYS A 155 1.20 -15.53 -13.49
CA LYS A 155 2.14 -16.60 -13.09
C LYS A 155 3.32 -16.72 -14.06
N SER A 156 3.16 -16.13 -15.22
CA SER A 156 4.29 -16.02 -16.17
C SER A 156 5.18 -14.83 -15.91
N ALA A 157 4.48 -13.74 -15.51
CA ALA A 157 5.21 -12.58 -14.98
C ALA A 157 5.98 -12.93 -13.73
N TYR A 158 5.44 -13.76 -12.84
CA TYR A 158 6.24 -14.03 -11.62
C TYR A 158 6.09 -15.48 -11.21
N PRO A 159 6.92 -16.26 -11.82
CA PRO A 159 6.93 -17.70 -11.63
C PRO A 159 7.15 -18.11 -10.17
N GLY A 160 6.31 -18.91 -9.64
CA GLY A 160 6.61 -19.43 -8.28
C GLY A 160 6.10 -18.62 -7.08
N GLN A 161 5.40 -17.54 -7.35
CA GLN A 161 5.20 -16.46 -6.39
C GLN A 161 3.77 -16.03 -6.24
N ILE A 162 2.94 -16.49 -7.15
CA ILE A 162 1.53 -16.05 -7.17
C ILE A 162 0.66 -17.11 -6.50
N THR A 163 -0.04 -16.71 -5.45
CA THR A 163 -0.88 -17.64 -4.67
C THR A 163 -2.30 -17.45 -5.15
N SER A 164 -3.20 -18.29 -4.68
CA SER A 164 -4.60 -18.07 -5.08
C SER A 164 -5.16 -16.78 -4.53
N ASN A 165 -4.46 -16.19 -3.57
CA ASN A 165 -4.90 -14.95 -2.86
C ASN A 165 -4.31 -13.70 -3.50
N MET A 166 -3.65 -13.88 -4.67
CA MET A 166 -3.13 -12.69 -5.44
C MET A 166 -3.71 -12.58 -6.85
N PHE A 167 -3.82 -11.38 -7.34
CA PHE A 167 -4.01 -11.18 -8.79
C PHE A 167 -3.10 -10.08 -9.37
N CYS A 168 -2.98 -10.00 -10.70
CA CYS A 168 -2.10 -9.02 -11.41
C CYS A 168 -3.04 -8.11 -12.12
N ALA A 169 -2.67 -6.87 -12.14
CA ALA A 169 -3.41 -5.88 -12.85
C ALA A 169 -2.46 -4.84 -13.46
N GLY A 170 -2.82 -4.36 -14.58
CA GLY A 170 -2.02 -3.39 -15.33
C GLY A 170 -1.74 -3.84 -16.76
N TYR A 171 -0.63 -3.34 -17.24
CA TYR A 171 -0.20 -3.42 -18.65
C TYR A 171 1.20 -3.98 -18.82
N LEU A 172 1.30 -5.11 -19.48
CA LEU A 172 2.59 -5.80 -19.71
C LEU A 172 3.65 -4.88 -20.39
N GLU A 173 3.17 -3.92 -21.10
CA GLU A 173 4.09 -2.95 -21.70
C GLU A 173 4.82 -2.13 -20.64
N GLY A 174 4.16 -1.74 -19.57
CA GLY A 174 4.79 -0.81 -18.59
C GLY A 174 4.42 0.66 -18.66
N GLY A 175 4.95 1.45 -17.77
CA GLY A 175 4.62 2.89 -17.64
C GLY A 175 3.37 3.35 -16.93
N LYS A 176 2.55 2.40 -16.58
CA LYS A 176 1.29 2.65 -15.89
C LYS A 176 1.22 1.60 -14.77
N ASP A 177 1.40 2.02 -13.53
CA ASP A 177 1.34 1.06 -12.38
C ASP A 177 1.00 1.71 -11.02
N SER A 178 1.08 0.90 -10.01
CA SER A 178 1.10 1.45 -8.68
C SER A 178 2.52 1.36 -8.12
N CYS A 179 2.87 2.22 -7.17
CA CYS A 179 4.27 2.21 -6.71
C CYS A 179 4.37 2.46 -5.20
N GLN A 180 5.54 2.56 -4.63
CA GLN A 180 5.83 2.96 -3.25
C GLN A 180 4.99 4.15 -2.77
N GLY A 181 4.24 3.92 -1.72
CA GLY A 181 3.29 4.90 -1.22
C GLY A 181 1.86 4.41 -1.36
N ASP A 182 1.65 3.49 -2.33
CA ASP A 182 0.29 3.16 -2.79
C ASP A 182 -0.29 1.95 -2.04
N SER A 183 0.62 1.19 -1.44
CA SER A 183 0.24 -0.02 -0.68
C SER A 183 -0.92 0.13 0.32
N GLY A 184 -1.75 -0.88 0.48
CA GLY A 184 -2.98 -0.86 1.26
C GLY A 184 -4.18 -0.22 0.60
N GLY A 185 -3.97 0.69 -0.35
CA GLY A 185 -5.06 1.34 -1.08
C GLY A 185 -5.82 0.43 -2.07
N PRO A 186 -6.97 0.96 -2.49
CA PRO A 186 -8.01 0.20 -3.16
C PRO A 186 -7.67 -0.14 -4.63
N VAL A 187 -8.13 -1.26 -5.11
CA VAL A 187 -8.50 -1.56 -6.50
C VAL A 187 -10.00 -1.83 -6.62
N VAL A 188 -10.73 -0.85 -7.05
CA VAL A 188 -12.18 -0.97 -7.06
C VAL A 188 -12.75 -1.30 -8.47
N CYS A 189 -13.47 -2.34 -8.63
CA CYS A 189 -13.95 -2.68 -9.96
C CYS A 189 -15.46 -2.82 -9.93
N SER A 190 -16.12 -2.04 -10.72
CA SER A 190 -17.57 -1.93 -10.81
C SER A 190 -18.18 -1.85 -9.43
N GLY A 191 -17.68 -0.87 -8.72
CA GLY A 191 -18.04 -0.38 -7.38
C GLY A 191 -17.61 -1.26 -6.23
N LYS A 192 -16.94 -2.35 -6.49
CA LYS A 192 -16.76 -3.30 -5.40
C LYS A 192 -15.28 -3.42 -5.14
N LEU A 193 -14.88 -3.63 -3.92
CA LEU A 193 -13.44 -3.58 -3.64
C LEU A 193 -12.78 -4.93 -3.87
N GLN A 194 -11.98 -5.05 -4.96
CA GLN A 194 -11.49 -6.35 -5.44
C GLN A 194 -10.09 -6.66 -4.94
N GLY A 195 -9.38 -5.58 -4.75
CA GLY A 195 -7.97 -5.72 -4.42
C GLY A 195 -7.46 -4.70 -3.42
N ILE A 196 -6.27 -5.03 -3.00
CA ILE A 196 -5.42 -4.11 -2.23
C ILE A 196 -4.04 -3.97 -2.88
N VAL A 197 -3.60 -2.75 -3.10
CA VAL A 197 -2.21 -2.58 -3.51
C VAL A 197 -1.15 -3.30 -2.67
N SER A 198 -0.40 -4.17 -3.24
CA SER A 198 0.47 -5.02 -2.45
C SER A 198 1.97 -5.05 -2.83
N TRP A 199 2.34 -5.68 -3.91
CA TRP A 199 3.74 -5.66 -4.33
C TRP A 199 3.95 -5.73 -5.88
N GLY A 200 5.18 -5.82 -6.35
CA GLY A 200 5.57 -5.90 -7.77
C GLY A 200 7.08 -6.02 -7.92
N SER A 201 7.60 -6.28 -9.11
CA SER A 201 9.05 -6.05 -9.31
C SER A 201 9.36 -4.65 -9.82
N GLY A 202 9.66 -3.77 -8.91
CA GLY A 202 9.69 -2.34 -9.18
C GLY A 202 8.34 -1.68 -9.41
N CYS A 203 8.36 -0.67 -10.21
CA CYS A 203 7.10 -0.16 -10.64
C CYS A 203 7.14 0.03 -12.16
N ALA A 204 6.02 -0.18 -12.77
CA ALA A 204 5.72 0.24 -14.17
C ALA A 204 6.81 -0.25 -15.16
N GLN A 205 7.48 -1.35 -14.84
CA GLN A 205 8.38 -2.12 -15.70
C GLN A 205 7.72 -3.16 -16.62
N LYS A 206 8.26 -3.28 -17.84
CA LYS A 206 7.61 -4.15 -18.87
C LYS A 206 7.65 -5.59 -18.36
N ASN A 207 6.58 -6.27 -18.62
CA ASN A 207 6.33 -7.66 -18.23
C ASN A 207 6.25 -7.89 -16.73
N LYS A 208 6.20 -6.81 -15.95
CA LYS A 208 5.98 -7.03 -14.49
C LYS A 208 4.85 -6.10 -14.01
N PRO A 209 3.63 -6.55 -14.16
CA PRO A 209 2.46 -5.76 -13.72
C PRO A 209 2.40 -5.81 -12.17
N GLY A 210 1.68 -4.90 -11.54
CA GLY A 210 1.56 -4.97 -10.08
C GLY A 210 0.80 -6.22 -9.58
N VAL A 211 1.17 -6.72 -8.42
CA VAL A 211 0.37 -7.67 -7.60
C VAL A 211 -0.40 -7.11 -6.36
N TYR A 212 -1.61 -7.52 -6.34
CA TYR A 212 -2.74 -7.08 -5.54
C TYR A 212 -3.34 -8.24 -4.73
N THR A 213 -3.68 -7.97 -3.48
CA THR A 213 -4.39 -8.95 -2.63
C THR A 213 -5.83 -9.15 -3.11
N LYS A 214 -6.14 -10.41 -3.37
CA LYS A 214 -7.46 -10.78 -3.86
C LYS A 214 -8.58 -10.73 -2.82
N VAL A 215 -9.23 -9.58 -2.72
CA VAL A 215 -10.20 -9.26 -1.63
C VAL A 215 -11.49 -10.13 -1.52
N CYS A 216 -11.97 -10.66 -2.64
CA CYS A 216 -13.10 -11.64 -2.75
C CYS A 216 -12.85 -12.97 -2.02
N ASN A 217 -11.63 -13.33 -1.73
CA ASN A 217 -11.37 -14.50 -0.94
C ASN A 217 -11.59 -14.27 0.57
N TYR A 218 -11.71 -13.04 0.99
CA TYR A 218 -11.53 -12.71 2.46
C TYR A 218 -12.82 -12.18 3.07
N VAL A 219 -13.85 -12.11 2.26
CA VAL A 219 -15.07 -11.38 2.62
C VAL A 219 -15.72 -11.99 3.87
N SER A 220 -15.71 -13.31 3.98
CA SER A 220 -16.21 -13.97 5.19
C SER A 220 -15.41 -13.66 6.45
N TRP A 221 -14.09 -13.75 6.34
CA TRP A 221 -13.13 -13.22 7.33
C TRP A 221 -13.28 -11.76 7.68
N ILE A 222 -13.56 -10.92 6.73
CA ILE A 222 -13.70 -9.52 7.09
C ILE A 222 -14.94 -9.30 7.97
N LYS A 223 -16.03 -9.86 7.52
CA LYS A 223 -17.33 -9.62 8.14
C LYS A 223 -17.38 -10.24 9.54
N GLN A 224 -16.81 -11.38 9.65
CA GLN A 224 -16.74 -11.91 10.97
C GLN A 224 -15.73 -11.28 11.89
N THR A 225 -14.60 -10.82 11.38
CA THR A 225 -13.62 -10.08 12.23
C THR A 225 -14.06 -8.68 12.67
N ILE A 226 -14.76 -8.03 11.78
CA ILE A 226 -15.39 -6.78 12.07
C ILE A 226 -16.41 -6.95 13.20
N ALA A 227 -17.23 -8.00 13.13
CA ALA A 227 -18.43 -8.23 13.99
C ALA A 227 -17.97 -8.55 15.42
N SER A 228 -16.80 -9.14 15.53
CA SER A 228 -16.44 -9.58 16.85
C SER A 228 -15.29 -8.81 17.45
N ASN A 229 -15.08 -7.58 17.00
CA ASN A 229 -13.98 -6.75 17.56
C ASN A 229 -14.43 -5.36 17.74
N ARG B 1 29.90 -1.23 12.78
CA ARG B 1 31.04 -2.04 12.31
C ARG B 1 30.92 -3.02 11.13
N PRO B 2 29.91 -3.89 11.07
CA PRO B 2 29.90 -4.98 10.07
C PRO B 2 29.74 -4.68 8.57
N ASP B 3 29.61 -5.78 7.90
CA ASP B 3 29.58 -6.10 6.43
C ASP B 3 28.24 -6.16 5.74
N PHE B 4 27.19 -6.53 6.48
CA PHE B 4 25.83 -6.02 6.11
C PHE B 4 25.67 -4.47 6.17
N CYS B 5 26.50 -3.81 6.88
CA CYS B 5 26.46 -2.36 6.97
C CYS B 5 26.97 -1.64 5.71
N LEU B 6 27.65 -2.40 4.86
CA LEU B 6 28.20 -1.82 3.65
C LEU B 6 27.25 -1.98 2.48
N GLU B 7 26.23 -2.78 2.69
CA GLU B 7 25.29 -3.13 1.64
C GLU B 7 24.31 -2.01 1.27
N PRO B 8 24.05 -1.78 0.01
CA PRO B 8 23.26 -0.63 -0.37
C PRO B 8 21.85 -0.82 0.18
N PRO B 9 21.14 0.19 0.37
CA PRO B 9 19.81 0.05 0.87
C PRO B 9 18.84 -0.68 -0.07
N TYR B 10 17.98 -1.52 0.46
CA TYR B 10 17.00 -2.26 -0.32
C TYR B 10 15.56 -1.85 -0.04
N THR B 11 14.89 -1.25 -1.00
CA THR B 11 13.48 -1.02 -0.88
C THR B 11 12.64 -2.28 -0.92
N GLY B 12 13.02 -3.24 -1.70
CA GLY B 12 12.11 -4.39 -1.95
C GLY B 12 10.80 -4.10 -2.68
N PRO B 13 10.01 -5.14 -2.76
CA PRO B 13 8.86 -5.25 -3.70
C PRO B 13 7.50 -4.73 -3.22
N CYS B 14 7.37 -4.64 -1.91
CA CYS B 14 6.19 -4.00 -1.36
C CYS B 14 6.18 -2.47 -1.55
N LYS B 15 5.00 -1.95 -1.72
CA LYS B 15 4.69 -0.56 -2.03
C LYS B 15 4.19 0.34 -0.89
N ALA B 16 4.74 0.18 0.27
CA ALA B 16 4.57 1.19 1.33
C ALA B 16 5.65 2.27 1.13
N ARG B 17 5.47 3.42 1.68
CA ARG B 17 6.53 4.43 1.79
C ARG B 17 6.90 4.67 3.28
N ILE B 18 7.71 3.83 3.75
CA ILE B 18 8.18 3.89 5.13
C ILE B 18 9.64 4.33 5.24
N ILE B 19 9.83 5.38 5.98
CA ILE B 19 11.19 5.95 6.07
C ILE B 19 12.06 5.24 7.10
N ARG B 20 13.14 4.66 6.61
CA ARG B 20 14.03 3.91 7.45
C ARG B 20 15.41 4.53 7.40
N TYR B 21 16.37 3.94 8.07
CA TYR B 21 17.79 4.33 8.10
C TYR B 21 18.67 3.21 7.60
N PHE B 22 19.70 3.64 6.95
CA PHE B 22 20.77 2.74 6.54
C PHE B 22 22.09 3.45 6.73
N TYR B 23 23.08 2.63 6.94
CA TYR B 23 24.45 3.09 7.06
C TYR B 23 25.08 3.35 5.69
N ASN B 24 25.57 4.55 5.51
CA ASN B 24 26.12 4.95 4.23
C ASN B 24 27.60 5.01 4.46
N ALA B 25 28.23 3.94 4.07
CA ALA B 25 29.64 3.85 4.34
C ALA B 25 30.41 4.95 3.61
N LYS B 26 29.88 5.43 2.53
CA LYS B 26 30.65 6.44 1.80
C LYS B 26 30.74 7.78 2.54
N ALA B 27 29.61 8.16 3.10
CA ALA B 27 29.46 9.29 4.02
C ALA B 27 29.91 9.06 5.46
N GLY B 28 29.97 7.81 5.90
CA GLY B 28 30.27 7.67 7.36
C GLY B 28 29.13 8.21 8.24
N LEU B 29 27.91 8.03 7.77
CA LEU B 29 26.74 8.18 8.61
C LEU B 29 25.51 7.41 8.20
N CYS B 30 24.49 7.43 9.01
CA CYS B 30 23.24 6.82 8.66
C CYS B 30 22.31 7.78 7.95
N GLN B 31 21.69 7.26 6.93
CA GLN B 31 20.82 8.12 6.17
C GLN B 31 19.49 7.46 5.97
N THR B 32 18.51 8.25 5.65
CA THR B 32 17.21 7.75 5.36
C THR B 32 17.00 7.23 3.93
N PHE B 33 15.99 6.41 3.74
CA PHE B 33 15.67 5.82 2.46
C PHE B 33 14.31 5.22 2.56
N VAL B 34 13.69 4.90 1.41
CA VAL B 34 12.30 4.44 1.40
C VAL B 34 12.21 2.93 1.38
N TYR B 35 11.63 2.35 2.42
CA TYR B 35 11.50 0.90 2.50
C TYR B 35 10.08 0.48 2.18
N GLY B 36 9.87 -0.46 1.27
CA GLY B 36 8.49 -0.62 0.81
C GLY B 36 7.65 -1.51 1.73
N GLY B 37 8.19 -1.97 2.80
CA GLY B 37 7.34 -2.70 3.75
C GLY B 37 7.67 -4.16 3.90
N CYS B 38 8.46 -4.68 3.02
CA CYS B 38 8.66 -6.12 3.17
C CYS B 38 9.99 -6.57 2.64
N ARG B 39 10.43 -7.66 3.16
CA ARG B 39 11.60 -8.42 2.77
C ARG B 39 12.87 -7.64 3.11
N ALA B 40 12.84 -6.76 4.11
CA ALA B 40 13.96 -5.92 4.50
C ALA B 40 15.30 -6.65 4.58
N LYS B 41 16.36 -5.99 4.30
CA LYS B 41 17.68 -6.56 4.57
C LYS B 41 18.23 -5.95 5.85
N ARG B 42 19.38 -6.41 6.23
CA ARG B 42 19.93 -6.02 7.52
C ARG B 42 20.47 -4.61 7.68
N ASN B 43 20.86 -3.97 6.64
CA ASN B 43 21.07 -2.51 6.71
C ASN B 43 19.77 -1.69 6.61
N ASN B 44 18.95 -1.72 7.63
CA ASN B 44 17.62 -1.16 7.60
C ASN B 44 17.16 -0.99 9.06
N PHE B 45 17.14 0.19 9.53
CA PHE B 45 17.02 0.52 10.98
C PHE B 45 15.85 1.46 11.20
N LYS B 46 15.26 1.41 12.38
CA LYS B 46 14.08 2.19 12.60
C LYS B 46 14.41 3.59 13.08
N SER B 47 15.60 3.80 13.57
CA SER B 47 15.94 5.14 14.00
C SER B 47 17.40 5.34 13.71
N ALA B 48 17.85 6.60 13.62
CA ALA B 48 19.30 6.84 13.35
C ALA B 48 20.14 6.19 14.47
N GLU B 49 19.52 6.12 15.62
CA GLU B 49 20.36 5.73 16.75
C GLU B 49 20.64 4.23 16.70
N ASP B 50 19.63 3.52 16.22
CA ASP B 50 19.80 2.05 16.10
C ASP B 50 20.82 1.75 15.05
N CYS B 51 20.74 2.54 14.02
CA CYS B 51 21.73 2.49 12.93
C CYS B 51 23.17 2.81 13.36
N MET B 52 23.28 3.90 14.08
CA MET B 52 24.57 4.29 14.57
C MET B 52 25.08 3.24 15.54
N ARG B 53 24.21 2.69 16.38
CA ARG B 53 24.76 1.72 17.39
C ARG B 53 25.21 0.44 16.73
N THR B 54 24.44 -0.03 15.75
CA THR B 54 24.80 -1.28 15.04
C THR B 54 25.93 -1.14 14.04
N CYS B 55 25.83 -0.08 13.25
CA CYS B 55 26.73 0.10 12.12
C CYS B 55 27.83 1.14 12.24
N GLY B 56 27.61 2.25 12.92
CA GLY B 56 28.49 3.45 12.91
C GLY B 56 29.91 3.04 13.26
N GLY B 57 30.85 3.18 12.36
CA GLY B 57 32.19 2.57 12.60
C GLY B 57 32.47 1.38 11.69
N ALA B 58 31.66 1.29 10.58
CA ALA B 58 31.85 0.24 9.52
C ALA B 58 32.52 0.88 8.30
N ILE C . 1.32 6.12 -7.76
CA ILE C . 0.68 5.75 -9.04
C ILE C . 1.47 6.40 -10.19
O ILE C . 1.60 7.65 -10.17
CB ILE C . -0.81 6.21 -9.13
CG1 ILE C . -1.79 5.63 -8.03
CG2 ILE C . -1.39 5.97 -10.55
CD1 ILE C . -2.10 4.14 -8.33
N VAL D . 2.05 5.53 -11.06
CA VAL D . 2.77 5.93 -12.32
C VAL D . 1.86 5.96 -13.55
O VAL D . 1.05 4.99 -13.73
CB VAL D . 3.83 4.92 -12.67
CG1 VAL D . 4.59 5.49 -13.88
CG2 VAL D . 4.78 4.62 -11.51
OXT VAL D . 1.64 7.04 -14.16
CA CA E . -5.78 17.76 3.01
S SO4 F . 21.51 -9.08 4.46
O1 SO4 F . 21.29 -9.37 3.02
O2 SO4 F . 22.67 -9.91 5.00
O3 SO4 F . 21.88 -7.63 4.57
O4 SO4 F . 20.22 -9.46 5.16
S SO4 G . 26.61 -12.71 9.45
O1 SO4 G . 25.98 -14.14 9.52
O2 SO4 G . 26.43 -12.31 7.98
O3 SO4 G . 25.89 -11.66 10.37
O4 SO4 G . 28.00 -12.74 9.96
#